data_5HKO
#
_entry.id   5HKO
#
_cell.length_a   62.947
_cell.length_b   62.940
_cell.length_c   73.153
_cell.angle_alpha   90.000
_cell.angle_beta   90.000
_cell.angle_gamma   90.000
#
_symmetry.space_group_name_H-M   'P 21 21 21'
#
loop_
_entity.id
_entity.type
_entity.pdbx_description
1 polymer 'ABC transporter, carbohydrate uptake transporter-2 (CUT2) family, periplasmic sugar-binding protein'
2 non-polymer 'ZINC ION'
3 non-polymer 'CHLORIDE ION'
4 non-polymer L-glucitol
5 non-polymer IMIDAZOLE
6 non-polymer 'ACETATE ION'
7 water water
#
_entity_poly.entity_id   1
_entity_poly.type   'polypeptide(L)'
_entity_poly.pdbx_seq_one_letter_code
;MHHHHHHSSGVDLGTENLYFQSMAGDTAANSDTKRIGVTVYDMSSFITEGKEGMDTYAKANNIELVWNSANNDVSTQASQ
VDSLINQGVDAIIVVPVQADSLGPQVASAKSKGIPLLAVNAALETPDLAGNVQPDDVAAGAQEMQMMADRLGGKGNIVIL
QGPLGGSGEINRGKGIDQVLAKYPDIKVLAKDTANWKRDEAVNKMKNWISSFGPQIDGVVAQNDDMGLGALQALKEAGRT
GVPIVGIDGIEDGLNAVKSGDFIGTSLQNGTVELSAGLAVADALVKGEDVKTDPVYVMPAITKDNVDVAIEHVVTERQKF
LDGLVELTQQNLKTGDIAYEGIPGQTQP
;
_entity_poly.pdbx_strand_id   A
#
# COMPACT_ATOMS: atom_id res chain seq x y z
N THR A 33 -7.09 16.23 22.94
CA THR A 33 -7.54 17.59 22.68
C THR A 33 -7.93 17.53 21.17
N LYS A 34 -7.07 17.01 20.28
CA LYS A 34 -7.31 17.12 18.81
C LYS A 34 -8.08 15.93 18.29
N ARG A 35 -9.02 16.17 17.35
CA ARG A 35 -9.84 15.15 16.78
C ARG A 35 -9.57 15.11 15.30
N ILE A 36 -9.03 13.97 14.81
CA ILE A 36 -8.58 13.85 13.39
C ILE A 36 -9.30 12.72 12.84
N GLY A 37 -10.08 13.03 11.77
CA GLY A 37 -10.84 12.01 11.08
C GLY A 37 -10.03 11.22 10.03
N VAL A 38 -10.32 9.98 9.90
CA VAL A 38 -9.66 9.09 8.97
C VAL A 38 -10.70 8.39 8.20
N THR A 39 -10.68 8.43 6.86
CA THR A 39 -11.53 7.57 6.05
C THR A 39 -10.62 6.80 5.11
N VAL A 40 -10.67 5.48 5.22
CA VAL A 40 -9.89 4.61 4.36
C VAL A 40 -10.74 3.87 3.40
N TYR A 41 -10.21 3.45 2.24
CA TYR A 41 -10.93 2.70 1.27
C TYR A 41 -11.57 1.43 1.88
N ASP A 42 -10.77 0.71 2.69
CA ASP A 42 -11.25 -0.59 3.19
C ASP A 42 -10.27 -0.98 4.26
N MET A 43 -10.68 -1.95 5.12
CA MET A 43 -9.76 -2.52 6.09
C MET A 43 -8.98 -3.67 5.48
N SER A 44 -8.18 -3.36 4.46
CA SER A 44 -7.26 -4.30 3.85
C SER A 44 -6.23 -4.76 4.85
N SER A 45 -5.45 -5.78 4.50
CA SER A 45 -4.37 -6.19 5.35
C SER A 45 -3.39 -5.04 5.68
N PHE A 46 -3.00 -4.29 4.62
CA PHE A 46 -2.09 -3.19 4.83
C PHE A 46 -2.66 -2.16 5.81
N ILE A 47 -3.94 -1.77 5.60
CA ILE A 47 -4.56 -0.77 6.47
C ILE A 47 -4.75 -1.29 7.87
N THR A 48 -5.12 -2.55 7.98
CA THR A 48 -5.38 -3.18 9.29
C THR A 48 -4.08 -3.20 10.09
N GLU A 49 -3.02 -3.66 9.46
CA GLU A 49 -1.71 -3.63 10.19
C GLU A 49 -1.34 -2.23 10.47
N GLY A 50 -1.55 -1.25 9.59
CA GLY A 50 -1.11 0.11 9.86
C GLY A 50 -1.91 0.80 10.88
N LYS A 51 -3.21 0.44 11.07
CA LYS A 51 -4.05 1.12 12.07
C LYS A 51 -3.40 1.07 13.45
N GLU A 52 -2.76 0.00 13.81
CA GLU A 52 -2.13 -0.10 15.12
C GLU A 52 -1.08 0.96 15.26
N GLY A 53 -0.32 1.26 14.20
CA GLY A 53 0.65 2.34 14.28
C GLY A 53 0.10 3.65 14.33
N MET A 54 -0.95 3.97 13.55
CA MET A 54 -1.61 5.18 13.68
C MET A 54 -2.16 5.47 15.04
N ASP A 55 -2.82 4.46 15.62
CA ASP A 55 -3.44 4.56 16.94
C ASP A 55 -2.38 4.71 17.98
N THR A 56 -1.24 4.09 17.85
CA THR A 56 -0.13 4.31 18.81
C THR A 56 0.35 5.75 18.75
N TYR A 57 0.57 6.28 17.57
CA TYR A 57 0.96 7.69 17.46
C TYR A 57 -0.08 8.61 18.00
N ALA A 58 -1.37 8.37 17.76
CA ALA A 58 -2.44 9.25 18.23
C ALA A 58 -2.45 9.25 19.75
N LYS A 59 -2.34 8.12 20.38
CA LYS A 59 -2.46 8.10 21.83
C LYS A 59 -1.31 8.86 22.43
N ALA A 60 -0.16 8.86 21.88
CA ALA A 60 1.06 9.56 22.38
C ALA A 60 1.01 10.98 22.11
N ASN A 61 0.06 11.52 21.36
CA ASN A 61 0.05 12.88 20.90
C ASN A 61 -1.24 13.60 21.10
N ASN A 62 -2.05 13.04 21.98
CA ASN A 62 -3.32 13.67 22.36
C ASN A 62 -4.28 13.88 21.24
N ILE A 63 -4.35 12.82 20.40
CA ILE A 63 -5.24 12.84 19.24
C ILE A 63 -6.30 11.77 19.37
N GLU A 64 -7.55 12.07 19.19
CA GLU A 64 -8.59 11.12 19.07
C GLU A 64 -8.79 10.93 17.55
N LEU A 65 -8.68 9.69 17.15
CA LEU A 65 -8.87 9.35 15.67
C LEU A 65 -10.31 8.93 15.46
N VAL A 66 -10.98 9.43 14.50
CA VAL A 66 -12.34 9.04 14.19
C VAL A 66 -12.25 8.04 12.99
N TRP A 67 -12.18 6.79 13.14
CA TRP A 67 -11.98 5.84 12.05
C TRP A 67 -13.16 5.60 11.26
N ASN A 68 -13.15 5.62 9.94
CA ASN A 68 -14.16 5.18 9.05
C ASN A 68 -13.59 4.37 7.91
N SER A 69 -14.27 3.43 7.40
CA SER A 69 -13.95 2.67 6.25
C SER A 69 -14.98 2.69 5.19
N ALA A 70 -14.66 2.86 3.94
CA ALA A 70 -15.63 3.16 2.90
C ALA A 70 -16.07 1.97 2.15
N ASN A 71 -15.64 0.78 2.52
CA ASN A 71 -15.78 -0.46 1.83
C ASN A 71 -15.79 -0.32 0.29
N ASN A 72 -14.69 0.24 -0.16
CA ASN A 72 -14.37 0.29 -1.52
C ASN A 72 -15.37 1.09 -2.40
N ASP A 73 -16.00 2.06 -1.78
CA ASP A 73 -17.08 2.77 -2.48
C ASP A 73 -16.78 4.26 -2.42
N VAL A 74 -16.63 4.88 -3.55
CA VAL A 74 -16.34 6.33 -3.57
C VAL A 74 -17.36 7.17 -2.96
N SER A 75 -18.69 6.84 -3.18
CA SER A 75 -19.72 7.69 -2.59
C SER A 75 -19.81 7.64 -1.08
N THR A 76 -19.54 6.36 -0.49
CA THR A 76 -19.46 6.21 0.89
C THR A 76 -18.33 7.09 1.46
N GLN A 77 -17.15 7.00 0.76
CA GLN A 77 -16.03 7.78 1.25
C GLN A 77 -16.35 9.35 1.20
N ALA A 78 -17.04 9.76 0.10
CA ALA A 78 -17.43 11.20 -0.01
C ALA A 78 -18.29 11.56 1.15
N SER A 79 -19.25 10.66 1.49
CA SER A 79 -20.14 10.91 2.65
C SER A 79 -19.45 10.99 3.99
N GLN A 80 -18.41 10.14 4.13
CA GLN A 80 -17.58 10.17 5.37
C GLN A 80 -16.82 11.48 5.49
N VAL A 81 -16.22 11.94 4.37
CA VAL A 81 -15.54 13.21 4.48
C VAL A 81 -16.50 14.33 4.82
N ASP A 82 -17.72 14.28 4.18
CA ASP A 82 -18.75 15.32 4.55
C ASP A 82 -19.11 15.32 6.02
N SER A 83 -19.26 14.11 6.58
CA SER A 83 -19.62 14.05 7.98
CA SER A 83 -19.57 13.98 7.97
C SER A 83 -18.53 14.51 8.87
N LEU A 84 -17.23 14.20 8.53
CA LEU A 84 -16.12 14.70 9.32
C LEU A 84 -16.04 16.23 9.29
N ILE A 85 -16.24 16.80 8.11
CA ILE A 85 -16.36 18.25 7.94
C ILE A 85 -17.52 18.80 8.89
N ASN A 86 -18.66 18.11 8.81
CA ASN A 86 -19.84 18.57 9.61
C ASN A 86 -19.53 18.54 11.06
N GLN A 87 -18.78 17.52 11.52
CA GLN A 87 -18.37 17.35 12.90
C GLN A 87 -17.35 18.38 13.32
N GLY A 88 -16.76 19.17 12.42
CA GLY A 88 -15.71 20.10 12.70
C GLY A 88 -14.40 19.54 13.33
N VAL A 89 -14.00 18.39 12.78
CA VAL A 89 -12.70 17.86 13.20
C VAL A 89 -11.60 18.78 12.87
N ASP A 90 -10.47 18.58 13.48
CA ASP A 90 -9.35 19.41 13.31
C ASP A 90 -8.56 19.16 11.99
N ALA A 91 -8.61 17.91 11.51
CA ALA A 91 -7.95 17.54 10.23
C ALA A 91 -8.63 16.26 9.85
N ILE A 92 -8.45 15.95 8.50
CA ILE A 92 -8.99 14.77 7.83
C ILE A 92 -7.86 14.09 7.00
N ILE A 93 -7.78 12.80 7.19
CA ILE A 93 -6.89 11.95 6.37
C ILE A 93 -7.76 11.07 5.54
N VAL A 94 -7.47 11.10 4.23
CA VAL A 94 -8.21 10.24 3.26
C VAL A 94 -7.17 9.23 2.68
N VAL A 95 -7.49 7.95 2.74
CA VAL A 95 -6.82 6.96 1.94
C VAL A 95 -7.77 6.63 0.85
N PRO A 96 -7.64 7.13 -0.36
CA PRO A 96 -8.75 7.20 -1.32
C PRO A 96 -9.10 5.85 -1.95
N VAL A 97 -10.32 5.74 -2.30
CA VAL A 97 -10.83 4.67 -3.23
C VAL A 97 -10.40 4.89 -4.61
N GLN A 98 -10.64 6.08 -5.11
N GLN A 98 -10.44 6.06 -5.18
CA GLN A 98 -10.42 6.48 -6.53
CA GLN A 98 -10.12 6.30 -6.56
C GLN A 98 -9.51 7.73 -6.61
C GLN A 98 -9.48 7.69 -6.66
N ALA A 99 -8.59 7.82 -7.54
CA ALA A 99 -7.73 9.07 -7.65
C ALA A 99 -8.61 10.25 -8.08
N ASP A 100 -9.43 10.09 -9.05
CA ASP A 100 -10.23 11.20 -9.55
C ASP A 100 -11.50 11.28 -8.86
N SER A 101 -11.52 11.78 -7.61
CA SER A 101 -12.67 11.77 -6.79
C SER A 101 -12.58 12.79 -5.67
N LEU A 102 -13.67 13.08 -5.02
CA LEU A 102 -13.71 13.87 -3.81
C LEU A 102 -13.39 15.36 -3.99
N GLY A 103 -13.39 15.82 -5.22
CA GLY A 103 -13.09 17.30 -5.43
C GLY A 103 -13.92 18.17 -4.60
N PRO A 104 -15.26 18.06 -4.61
CA PRO A 104 -16.07 18.98 -3.81
C PRO A 104 -15.79 18.92 -2.31
N GLN A 105 -15.56 17.72 -1.82
CA GLN A 105 -15.25 17.54 -0.40
C GLN A 105 -13.90 18.14 -0.01
N VAL A 106 -12.91 18.02 -0.83
CA VAL A 106 -11.60 18.57 -0.52
C VAL A 106 -11.68 20.10 -0.63
N ALA A 107 -12.45 20.63 -1.56
CA ALA A 107 -12.65 22.08 -1.65
C ALA A 107 -13.44 22.53 -0.48
N SER A 108 -14.47 21.79 0.01
CA SER A 108 -15.19 22.17 1.20
C SER A 108 -14.27 22.28 2.39
N ALA A 109 -13.47 21.24 2.61
CA ALA A 109 -12.55 21.22 3.79
C ALA A 109 -11.67 22.41 3.72
N LYS A 110 -11.09 22.67 2.61
CA LYS A 110 -10.11 23.82 2.45
C LYS A 110 -10.86 25.13 2.71
N SER A 111 -12.10 25.29 2.24
CA SER A 111 -12.84 26.52 2.39
C SER A 111 -13.11 26.74 3.89
N LYS A 112 -13.24 25.71 4.68
CA LYS A 112 -13.57 25.75 6.08
C LYS A 112 -12.33 25.74 6.92
N GLY A 113 -11.15 25.77 6.39
CA GLY A 113 -9.93 25.78 7.21
C GLY A 113 -9.65 24.45 7.87
N ILE A 114 -10.12 23.33 7.32
CA ILE A 114 -9.82 22.00 7.92
C ILE A 114 -8.74 21.33 6.99
N PRO A 115 -7.57 21.17 7.44
CA PRO A 115 -6.53 20.50 6.65
C PRO A 115 -6.98 19.05 6.27
N LEU A 116 -6.91 18.75 4.98
CA LEU A 116 -7.26 17.42 4.47
C LEU A 116 -6.06 16.93 3.72
N LEU A 117 -5.61 15.74 4.10
CA LEU A 117 -4.46 15.11 3.52
C LEU A 117 -4.84 13.85 2.77
N ALA A 118 -4.18 13.62 1.64
CA ALA A 118 -4.17 12.26 1.04
C ALA A 118 -2.99 11.51 1.56
N VAL A 119 -3.23 10.26 1.99
CA VAL A 119 -2.20 9.35 2.48
C VAL A 119 -2.35 8.06 1.77
N ASN A 120 -1.21 7.47 1.40
CA ASN A 120 -1.13 6.08 0.84
C ASN A 120 -1.56 5.92 -0.60
N ALA A 121 -2.56 6.65 -1.07
CA ALA A 121 -2.83 6.73 -2.47
C ALA A 121 -3.25 8.15 -2.82
N ALA A 122 -3.21 8.47 -4.08
CA ALA A 122 -3.32 9.86 -4.53
C ALA A 122 -4.71 10.29 -4.84
N LEU A 123 -4.87 11.62 -4.78
CA LEU A 123 -6.07 12.28 -5.29
C LEU A 123 -5.63 13.28 -6.36
N GLU A 124 -6.50 13.58 -7.31
CA GLU A 124 -6.23 14.55 -8.40
C GLU A 124 -6.43 16.02 -7.94
N THR A 125 -7.18 16.27 -6.94
CA THR A 125 -7.52 17.67 -6.51
C THR A 125 -6.29 18.49 -6.25
N PRO A 126 -6.30 19.77 -6.54
CA PRO A 126 -5.18 20.73 -6.21
C PRO A 126 -5.31 21.24 -4.81
N ASP A 127 -6.23 20.82 -4.01
CA ASP A 127 -6.48 21.42 -2.70
C ASP A 127 -6.06 20.70 -1.50
N LEU A 128 -5.18 19.70 -1.63
CA LEU A 128 -4.73 18.95 -0.42
C LEU A 128 -3.83 19.86 0.45
N ALA A 129 -3.94 19.67 1.74
CA ALA A 129 -3.03 20.28 2.68
C ALA A 129 -1.77 19.50 2.91
N GLY A 130 -1.79 18.20 2.62
CA GLY A 130 -0.69 17.34 2.69
C GLY A 130 -0.90 16.15 1.86
N ASN A 131 0.19 15.44 1.54
CA ASN A 131 0.17 14.39 0.53
C ASN A 131 1.30 13.40 0.84
N VAL A 132 1.00 12.37 1.57
CA VAL A 132 2.02 11.44 2.16
C VAL A 132 1.90 10.12 1.36
N GLN A 133 2.85 9.88 0.44
CA GLN A 133 2.65 8.87 -0.61
C GLN A 133 3.80 7.91 -0.72
N PRO A 134 3.47 6.66 -1.01
CA PRO A 134 4.55 5.77 -1.56
C PRO A 134 4.89 6.09 -2.96
N ASP A 135 6.16 5.78 -3.31
CA ASP A 135 6.56 5.83 -4.70
C ASP A 135 6.11 4.53 -5.37
N ASP A 136 4.88 4.54 -5.83
CA ASP A 136 4.28 3.33 -6.43
C ASP A 136 4.87 2.98 -7.78
N VAL A 137 5.33 3.98 -8.54
CA VAL A 137 6.05 3.64 -9.80
C VAL A 137 7.27 2.86 -9.46
N ALA A 138 8.07 3.29 -8.52
CA ALA A 138 9.25 2.56 -8.14
C ALA A 138 8.94 1.18 -7.65
N ALA A 139 7.89 1.03 -6.86
CA ALA A 139 7.53 -0.26 -6.30
C ALA A 139 7.10 -1.22 -7.45
N GLY A 140 6.31 -0.72 -8.40
CA GLY A 140 5.95 -1.56 -9.54
C GLY A 140 7.13 -1.99 -10.31
N ALA A 141 8.03 -1.07 -10.60
CA ALA A 141 9.28 -1.44 -11.30
C ALA A 141 10.06 -2.46 -10.53
N GLN A 142 10.15 -2.26 -9.18
CA GLN A 142 10.91 -3.18 -8.39
C GLN A 142 10.37 -4.57 -8.44
N GLU A 143 9.01 -4.72 -8.29
CA GLU A 143 8.44 -6.07 -8.35
C GLU A 143 8.63 -6.71 -9.68
N MET A 144 8.45 -5.92 -10.76
CA MET A 144 8.66 -6.52 -12.08
C MET A 144 10.10 -6.90 -12.31
N GLN A 145 11.04 -6.10 -11.83
CA GLN A 145 12.45 -6.49 -11.94
C GLN A 145 12.75 -7.71 -11.16
N MET A 146 12.12 -7.89 -9.97
CA MET A 146 12.30 -9.15 -9.26
C MET A 146 11.86 -10.32 -10.09
N MET A 147 10.77 -10.19 -10.77
CA MET A 147 10.25 -11.28 -11.63
C MET A 147 11.15 -11.51 -12.83
N ALA A 148 11.59 -10.42 -13.50
CA ALA A 148 12.47 -10.57 -14.64
C ALA A 148 13.78 -11.26 -14.19
N ASP A 149 14.28 -10.91 -13.06
CA ASP A 149 15.47 -11.52 -12.45
C ASP A 149 15.24 -12.97 -12.27
N ARG A 150 14.14 -13.39 -11.70
N ARG A 150 14.15 -13.42 -11.69
CA ARG A 150 13.78 -14.76 -11.47
CA ARG A 150 13.88 -14.84 -11.45
C ARG A 150 13.72 -15.56 -12.74
C ARG A 150 13.68 -15.57 -12.75
N LEU A 151 13.03 -15.00 -13.73
CA LEU A 151 12.78 -15.66 -14.98
C LEU A 151 13.96 -15.63 -15.93
N GLY A 152 15.05 -14.95 -15.64
CA GLY A 152 16.10 -14.81 -16.58
C GLY A 152 15.69 -14.05 -17.83
N GLY A 153 14.74 -13.14 -17.67
CA GLY A 153 14.34 -12.35 -18.84
C GLY A 153 13.41 -13.03 -19.79
N LYS A 154 12.86 -14.19 -19.49
CA LYS A 154 12.01 -14.93 -20.45
C LYS A 154 10.90 -15.63 -19.79
N GLY A 155 9.67 -15.50 -20.28
CA GLY A 155 8.54 -16.28 -19.79
C GLY A 155 7.26 -15.53 -19.92
N ASN A 156 6.19 -16.26 -19.64
CA ASN A 156 4.89 -15.69 -19.68
C ASN A 156 4.33 -15.39 -18.31
N ILE A 157 3.82 -14.22 -18.08
CA ILE A 157 3.29 -13.82 -16.77
C ILE A 157 1.85 -13.46 -16.82
N VAL A 158 1.24 -13.40 -15.66
CA VAL A 158 -0.07 -12.77 -15.46
C VAL A 158 0.07 -11.67 -14.42
N ILE A 159 -0.71 -10.64 -14.47
CA ILE A 159 -0.63 -9.49 -13.56
C ILE A 159 -1.92 -9.24 -12.89
N LEU A 160 -1.92 -9.23 -11.54
CA LEU A 160 -3.11 -8.87 -10.74
C LEU A 160 -2.98 -7.44 -10.30
N GLN A 161 -3.99 -6.68 -10.63
CA GLN A 161 -4.02 -5.19 -10.40
C GLN A 161 -4.83 -4.87 -9.15
N GLY A 162 -4.45 -3.72 -8.55
CA GLY A 162 -5.34 -3.11 -7.58
C GLY A 162 -6.59 -2.52 -8.22
N PRO A 163 -7.49 -1.95 -7.38
CA PRO A 163 -8.77 -1.43 -7.92
C PRO A 163 -8.47 -0.43 -9.04
N LEU A 164 -9.22 -0.60 -10.14
CA LEU A 164 -8.97 0.22 -11.32
C LEU A 164 -9.32 1.68 -11.00
N GLY A 165 -8.44 2.55 -11.47
CA GLY A 165 -8.65 4.00 -11.20
C GLY A 165 -8.09 4.45 -9.92
N GLY A 166 -7.54 3.57 -9.09
CA GLY A 166 -6.73 4.01 -7.94
C GLY A 166 -5.32 4.25 -8.35
N SER A 167 -4.64 5.17 -7.70
CA SER A 167 -3.26 5.49 -8.06
C SER A 167 -2.35 4.30 -7.88
N GLY A 168 -2.70 3.40 -6.99
CA GLY A 168 -1.82 2.21 -6.84
C GLY A 168 -1.74 1.44 -8.09
N GLU A 169 -2.83 1.09 -8.75
CA GLU A 169 -2.72 0.33 -10.02
C GLU A 169 -2.18 1.19 -11.09
N ILE A 170 -2.56 2.50 -11.13
CA ILE A 170 -2.05 3.31 -12.22
C ILE A 170 -0.53 3.38 -12.17
N ASN A 171 -0.01 3.72 -10.99
CA ASN A 171 1.41 3.96 -10.83
C ASN A 171 2.19 2.67 -10.76
N ARG A 172 1.73 1.64 -10.05
CA ARG A 172 2.44 0.37 -10.13
C ARG A 172 2.45 -0.17 -11.52
N GLY A 173 1.37 0.00 -12.28
CA GLY A 173 1.36 -0.42 -13.66
C GLY A 173 2.35 0.29 -14.50
N LYS A 174 2.54 1.60 -14.33
CA LYS A 174 3.52 2.35 -15.04
C LYS A 174 4.92 1.80 -14.76
N GLY A 175 5.20 1.51 -13.52
CA GLY A 175 6.56 0.95 -13.19
C GLY A 175 6.75 -0.45 -13.73
N ILE A 176 5.75 -1.26 -13.70
CA ILE A 176 5.82 -2.61 -14.34
C ILE A 176 6.12 -2.42 -15.81
N ASP A 177 5.38 -1.54 -16.47
CA ASP A 177 5.54 -1.31 -17.91
C ASP A 177 6.95 -0.82 -18.23
N GLN A 178 7.53 0.06 -17.39
CA GLN A 178 8.86 0.51 -17.61
C GLN A 178 9.88 -0.59 -17.69
N VAL A 179 9.65 -1.62 -16.88
CA VAL A 179 10.55 -2.78 -16.85
C VAL A 179 10.23 -3.74 -18.00
N LEU A 180 8.96 -3.96 -18.30
CA LEU A 180 8.58 -4.78 -19.43
C LEU A 180 9.15 -4.24 -20.75
N ALA A 181 9.35 -2.96 -20.82
CA ALA A 181 9.95 -2.36 -22.01
C ALA A 181 11.36 -2.82 -22.27
N LYS A 182 11.99 -3.51 -21.35
CA LYS A 182 13.37 -4.01 -21.49
C LYS A 182 13.43 -5.44 -21.84
N TYR A 183 12.30 -6.17 -21.85
CA TYR A 183 12.27 -7.65 -21.88
C TYR A 183 11.40 -8.15 -23.00
N PRO A 184 11.85 -8.23 -24.23
CA PRO A 184 11.00 -8.76 -25.33
C PRO A 184 10.60 -10.13 -25.18
N ASP A 185 11.28 -10.97 -24.37
CA ASP A 185 10.92 -12.37 -24.20
C ASP A 185 10.02 -12.59 -23.01
N ILE A 186 9.62 -11.56 -22.31
CA ILE A 186 8.58 -11.66 -21.32
C ILE A 186 7.28 -11.21 -21.92
N LYS A 187 6.27 -12.02 -21.82
CA LYS A 187 4.92 -11.78 -22.38
C LYS A 187 3.90 -11.81 -21.31
N VAL A 188 2.98 -10.83 -21.34
CA VAL A 188 1.89 -10.78 -20.36
C VAL A 188 0.68 -11.47 -20.98
N LEU A 189 0.29 -12.62 -20.47
CA LEU A 189 -0.85 -13.33 -21.01
C LEU A 189 -2.10 -12.75 -20.62
N ALA A 190 -2.19 -12.06 -19.44
CA ALA A 190 -3.41 -11.46 -18.95
C ALA A 190 -3.10 -10.50 -17.86
N LYS A 191 -3.93 -9.50 -17.74
CA LYS A 191 -3.87 -8.54 -16.62
C LYS A 191 -5.29 -8.22 -16.25
N ASP A 192 -5.60 -8.22 -14.97
CA ASP A 192 -6.93 -7.81 -14.54
C ASP A 192 -6.85 -7.42 -13.07
N THR A 193 -7.88 -6.75 -12.60
CA THR A 193 -7.99 -6.37 -11.19
C THR A 193 -8.48 -7.52 -10.32
N ALA A 194 -7.98 -7.54 -9.10
CA ALA A 194 -8.62 -8.31 -8.02
C ALA A 194 -8.82 -7.40 -6.80
N ASN A 195 -8.76 -6.09 -7.03
CA ASN A 195 -9.24 -5.14 -6.01
C ASN A 195 -8.55 -5.27 -4.67
N TRP A 196 -7.25 -5.65 -4.67
CA TRP A 196 -6.46 -5.86 -3.49
C TRP A 196 -6.87 -7.08 -2.65
N LYS A 197 -7.72 -7.94 -3.10
N LYS A 197 -7.85 -7.84 -3.10
CA LYS A 197 -8.34 -8.93 -2.20
CA LYS A 197 -8.58 -8.91 -2.35
C LYS A 197 -8.00 -10.33 -2.56
C LYS A 197 -7.93 -10.34 -2.59
N ARG A 198 -7.64 -11.07 -1.52
CA ARG A 198 -7.22 -12.42 -1.68
C ARG A 198 -8.16 -13.27 -2.41
N ASP A 199 -9.44 -13.28 -2.02
CA ASP A 199 -10.34 -14.25 -2.65
C ASP A 199 -10.73 -13.90 -4.04
N GLU A 200 -10.70 -12.65 -4.32
N GLU A 200 -10.81 -12.61 -4.44
CA GLU A 200 -10.99 -12.32 -5.61
CA GLU A 200 -10.94 -12.17 -5.87
C GLU A 200 -9.80 -12.64 -6.66
C GLU A 200 -9.83 -12.71 -6.63
N ALA A 201 -8.59 -12.64 -6.09
CA ALA A 201 -7.41 -13.12 -6.78
C ALA A 201 -7.44 -14.59 -6.98
N VAL A 202 -7.95 -15.36 -6.01
CA VAL A 202 -8.04 -16.83 -6.22
C VAL A 202 -8.93 -17.02 -7.45
N ASN A 203 -10.08 -16.39 -7.48
CA ASN A 203 -11.03 -16.65 -8.60
C ASN A 203 -10.49 -16.19 -9.91
N LYS A 204 -9.81 -15.05 -9.98
CA LYS A 204 -9.16 -14.61 -11.24
C LYS A 204 -8.12 -15.54 -11.64
N MET A 205 -7.27 -16.00 -10.74
CA MET A 205 -6.19 -16.92 -11.09
C MET A 205 -6.73 -18.25 -11.51
N LYS A 206 -7.81 -18.72 -10.94
CA LYS A 206 -8.41 -20.00 -11.40
C LYS A 206 -8.88 -19.80 -12.81
N ASN A 207 -9.43 -18.71 -13.26
CA ASN A 207 -9.83 -18.56 -14.64
C ASN A 207 -8.60 -18.57 -15.53
N TRP A 208 -7.48 -17.94 -15.11
CA TRP A 208 -6.32 -17.92 -15.97
C TRP A 208 -5.69 -19.29 -15.99
N ILE A 209 -5.66 -20.05 -14.94
CA ILE A 209 -5.17 -21.42 -14.96
C ILE A 209 -6.01 -22.23 -15.93
N SER A 210 -7.31 -22.05 -15.97
CA SER A 210 -8.14 -22.89 -16.92
CA SER A 210 -8.17 -22.80 -16.95
C SER A 210 -7.80 -22.40 -18.32
N SER A 211 -7.58 -21.15 -18.64
CA SER A 211 -7.25 -20.68 -19.96
C SER A 211 -5.84 -21.01 -20.45
N PHE A 212 -4.86 -20.97 -19.64
CA PHE A 212 -3.44 -20.94 -20.03
C PHE A 212 -2.60 -22.01 -19.38
N GLY A 213 -3.14 -22.60 -18.30
CA GLY A 213 -2.43 -23.70 -17.69
C GLY A 213 -0.94 -23.57 -17.45
N PRO A 214 -0.14 -24.50 -17.94
CA PRO A 214 1.30 -24.46 -17.56
C PRO A 214 2.06 -23.50 -18.47
N GLN A 215 1.32 -22.71 -19.32
CA GLN A 215 2.02 -21.61 -19.98
C GLN A 215 2.30 -20.43 -18.99
N ILE A 216 1.73 -20.44 -17.83
CA ILE A 216 1.98 -19.37 -16.87
C ILE A 216 3.28 -19.66 -16.15
N ASP A 217 4.29 -18.81 -16.35
CA ASP A 217 5.59 -18.96 -15.74
C ASP A 217 5.77 -18.10 -14.50
N GLY A 218 4.91 -17.13 -14.24
CA GLY A 218 5.05 -16.26 -13.04
C GLY A 218 3.87 -15.41 -12.86
N VAL A 219 3.66 -14.94 -11.64
CA VAL A 219 2.55 -14.05 -11.27
C VAL A 219 3.13 -12.79 -10.63
N VAL A 220 2.77 -11.64 -11.26
CA VAL A 220 3.18 -10.35 -10.69
C VAL A 220 1.93 -9.79 -10.07
N ALA A 221 1.88 -9.79 -8.74
CA ALA A 221 0.69 -9.30 -8.04
C ALA A 221 0.99 -7.92 -7.45
N GLN A 222 0.14 -6.96 -7.72
CA GLN A 222 0.40 -5.59 -7.26
C GLN A 222 0.27 -5.44 -5.75
N ASN A 223 -0.27 -6.43 -5.01
CA ASN A 223 -0.08 -6.47 -3.59
C ASN A 223 0.12 -7.91 -3.16
N ASP A 224 0.58 -8.07 -1.92
CA ASP A 224 0.79 -9.40 -1.37
C ASP A 224 -0.50 -10.19 -1.24
N ASP A 225 -1.58 -9.54 -0.82
CA ASP A 225 -2.84 -10.28 -0.68
C ASP A 225 -3.23 -11.00 -1.98
N MET A 226 -3.14 -10.27 -3.10
CA MET A 226 -3.49 -10.90 -4.36
C MET A 226 -2.53 -11.98 -4.72
N GLY A 227 -1.24 -11.80 -4.44
CA GLY A 227 -0.28 -12.85 -4.68
C GLY A 227 -0.55 -14.15 -3.87
N LEU A 228 -1.05 -13.94 -2.63
CA LEU A 228 -1.44 -15.10 -1.82
C LEU A 228 -2.66 -15.79 -2.33
N GLY A 229 -3.58 -15.08 -2.92
CA GLY A 229 -4.72 -15.70 -3.61
C GLY A 229 -4.26 -16.50 -4.79
N ALA A 230 -3.33 -15.93 -5.57
CA ALA A 230 -2.80 -16.66 -6.71
C ALA A 230 -2.13 -17.91 -6.24
N LEU A 231 -1.36 -17.86 -5.17
CA LEU A 231 -0.67 -18.99 -4.59
C LEU A 231 -1.64 -20.09 -4.30
N GLN A 232 -2.75 -19.77 -3.66
CA GLN A 232 -3.80 -20.76 -3.34
C GLN A 232 -4.38 -21.32 -4.54
N ALA A 233 -4.72 -20.60 -5.55
CA ALA A 233 -5.22 -21.17 -6.79
C ALA A 233 -4.22 -22.09 -7.38
N LEU A 234 -2.91 -21.73 -7.46
CA LEU A 234 -1.92 -22.60 -8.06
C LEU A 234 -1.83 -23.83 -7.27
N LYS A 235 -1.77 -23.81 -5.99
CA LYS A 235 -1.71 -25.02 -5.11
C LYS A 235 -2.85 -25.91 -5.50
N GLU A 236 -4.03 -25.46 -5.62
CA GLU A 236 -5.24 -26.30 -5.79
C GLU A 236 -5.14 -26.84 -7.25
N ALA A 237 -4.45 -26.31 -8.22
CA ALA A 237 -4.24 -26.80 -9.56
C ALA A 237 -3.10 -27.80 -9.55
N GLY A 238 -2.46 -28.03 -8.39
CA GLY A 238 -1.28 -28.91 -8.34
C GLY A 238 0.03 -28.37 -8.73
N ARG A 239 0.14 -27.07 -8.80
CA ARG A 239 1.38 -26.38 -9.12
C ARG A 239 2.04 -25.74 -7.95
N THR A 240 3.23 -26.18 -7.68
CA THR A 240 3.98 -25.48 -6.68
C THR A 240 5.28 -25.05 -7.49
N GLY A 241 6.05 -24.28 -6.81
CA GLY A 241 7.23 -23.69 -7.39
C GLY A 241 6.99 -22.57 -8.47
N VAL A 242 5.78 -22.02 -8.73
CA VAL A 242 5.62 -20.91 -9.76
C VAL A 242 6.08 -19.64 -9.06
N PRO A 243 6.91 -18.88 -9.66
CA PRO A 243 7.33 -17.60 -9.07
C PRO A 243 6.16 -16.67 -8.89
N ILE A 244 6.07 -16.06 -7.71
CA ILE A 244 5.08 -14.99 -7.40
C ILE A 244 5.80 -13.89 -6.74
N VAL A 245 5.51 -12.65 -7.15
CA VAL A 245 6.04 -11.47 -6.45
C VAL A 245 4.89 -10.62 -6.00
N GLY A 246 5.05 -9.98 -4.84
CA GLY A 246 4.10 -9.03 -4.28
C GLY A 246 4.70 -7.72 -3.95
N ILE A 247 3.80 -6.89 -3.36
CA ILE A 247 4.15 -5.57 -2.76
C ILE A 247 3.38 -5.49 -1.43
N ASP A 248 4.07 -5.09 -0.40
CA ASP A 248 3.59 -4.59 0.90
C ASP A 248 4.41 -5.18 2.03
N GLY A 249 4.78 -6.42 1.95
CA GLY A 249 5.35 -7.09 3.13
C GLY A 249 4.41 -7.11 4.31
N ILE A 250 3.12 -7.41 4.03
CA ILE A 250 2.18 -7.74 5.12
C ILE A 250 2.69 -9.01 5.78
N GLU A 251 2.13 -9.33 6.96
CA GLU A 251 2.62 -10.46 7.69
C GLU A 251 2.72 -11.71 6.83
N ASP A 252 1.60 -12.03 6.15
CA ASP A 252 1.53 -13.29 5.35
C ASP A 252 2.48 -13.20 4.13
N GLY A 253 2.68 -12.00 3.64
CA GLY A 253 3.64 -11.83 2.54
C GLY A 253 5.07 -12.01 2.90
N LEU A 254 5.45 -11.49 4.06
CA LEU A 254 6.82 -11.76 4.57
C LEU A 254 6.98 -13.23 4.83
N ASN A 255 6.00 -13.89 5.44
CA ASN A 255 6.12 -15.33 5.65
C ASN A 255 6.30 -16.06 4.34
N ALA A 256 5.59 -15.58 3.29
CA ALA A 256 5.72 -16.22 1.93
C ALA A 256 7.08 -16.03 1.35
N VAL A 257 7.70 -14.86 1.57
CA VAL A 257 9.08 -14.65 1.14
C VAL A 257 10.01 -15.64 1.89
N LYS A 258 9.85 -15.70 3.21
CA LYS A 258 10.71 -16.61 4.01
C LYS A 258 10.58 -18.05 3.54
N SER A 259 9.43 -18.51 3.26
CA SER A 259 9.18 -19.95 2.86
C SER A 259 9.46 -20.15 1.43
N GLY A 260 9.77 -19.14 0.62
CA GLY A 260 9.96 -19.35 -0.80
C GLY A 260 8.63 -19.38 -1.56
N ASP A 261 7.49 -19.24 -1.00
CA ASP A 261 6.21 -19.17 -1.71
C ASP A 261 6.15 -17.88 -2.61
N PHE A 262 6.81 -16.81 -2.18
CA PHE A 262 7.07 -15.63 -2.98
C PHE A 262 8.50 -15.53 -3.27
N ILE A 263 8.91 -14.91 -4.36
CA ILE A 263 10.29 -14.62 -4.65
C ILE A 263 10.81 -13.38 -3.94
N GLY A 264 9.92 -12.54 -3.46
CA GLY A 264 10.27 -11.24 -2.89
C GLY A 264 8.96 -10.46 -2.71
N THR A 265 9.14 -9.33 -2.01
CA THR A 265 8.08 -8.29 -1.93
C THR A 265 8.81 -6.98 -1.77
N SER A 266 8.01 -5.90 -1.63
CA SER A 266 8.53 -4.57 -1.38
C SER A 266 7.88 -4.09 -0.05
N LEU A 267 8.64 -3.67 0.92
CA LEU A 267 8.04 -3.36 2.21
C LEU A 267 7.29 -2.05 2.15
N GLN A 268 6.03 -2.07 2.53
CA GLN A 268 5.22 -0.89 2.78
C GLN A 268 4.66 -1.06 4.15
N ASN A 269 5.37 -0.64 5.16
CA ASN A 269 4.99 -0.87 6.56
C ASN A 269 3.91 0.10 6.92
N GLY A 270 2.69 -0.38 7.02
CA GLY A 270 1.61 0.57 7.32
C GLY A 270 1.73 1.23 8.67
N THR A 271 2.36 0.58 9.66
CA THR A 271 2.53 1.30 10.95
C THR A 271 3.37 2.51 10.74
N VAL A 272 4.38 2.45 9.88
CA VAL A 272 5.26 3.53 9.62
C VAL A 272 4.62 4.58 8.73
N GLU A 273 4.09 4.17 7.56
CA GLU A 273 3.60 5.11 6.60
C GLU A 273 2.40 5.85 7.14
N LEU A 274 1.46 5.15 7.80
CA LEU A 274 0.25 5.80 8.28
C LEU A 274 0.57 6.71 9.47
N SER A 275 1.45 6.30 10.34
CA SER A 275 1.88 7.20 11.43
C SER A 275 2.61 8.46 10.88
N ALA A 276 3.37 8.33 9.79
CA ALA A 276 3.99 9.46 9.16
C ALA A 276 2.91 10.42 8.65
N GLY A 277 1.83 9.88 8.07
CA GLY A 277 0.78 10.69 7.64
C GLY A 277 0.12 11.47 8.75
N LEU A 278 -0.20 10.73 9.83
CA LEU A 278 -0.78 11.38 10.99
C LEU A 278 0.16 12.43 11.55
N ALA A 279 1.43 12.22 11.59
CA ALA A 279 2.37 13.21 12.14
C ALA A 279 2.31 14.47 11.27
N VAL A 280 2.22 14.41 9.95
CA VAL A 280 2.07 15.61 9.11
C VAL A 280 0.75 16.28 9.43
N ALA A 281 -0.34 15.54 9.53
CA ALA A 281 -1.64 16.09 9.95
C ALA A 281 -1.56 16.84 11.28
N ASP A 282 -0.89 16.22 12.25
CA ASP A 282 -0.76 16.80 13.61
C ASP A 282 -0.01 18.09 13.45
N ALA A 283 1.03 18.16 12.76
CA ALA A 283 1.83 19.40 12.56
C ALA A 283 0.97 20.44 11.93
N LEU A 284 0.14 20.11 10.98
CA LEU A 284 -0.74 21.12 10.37
C LEU A 284 -1.77 21.57 11.38
N VAL A 285 -2.32 20.75 12.20
CA VAL A 285 -3.32 21.16 13.22
C VAL A 285 -2.64 22.10 14.17
N LYS A 286 -1.39 21.84 14.53
CA LYS A 286 -0.63 22.68 15.51
C LYS A 286 -0.08 23.89 14.82
N GLY A 287 -0.22 24.16 13.53
CA GLY A 287 0.43 25.35 12.83
C GLY A 287 1.82 25.32 12.70
N GLU A 288 2.46 24.15 12.64
CA GLU A 288 3.89 24.03 12.56
C GLU A 288 4.30 23.91 11.11
N ASP A 289 5.51 24.40 10.75
CA ASP A 289 6.14 24.12 9.46
C ASP A 289 6.48 22.63 9.45
N VAL A 290 6.20 22.00 8.31
CA VAL A 290 6.41 20.56 8.21
C VAL A 290 6.58 20.36 6.71
N LYS A 291 7.27 19.31 6.37
CA LYS A 291 7.32 18.85 4.96
C LYS A 291 5.96 18.17 4.73
N THR A 292 5.18 18.74 3.82
CA THR A 292 3.84 18.20 3.67
C THR A 292 3.70 17.14 2.59
N ASP A 293 4.74 16.89 1.82
CA ASP A 293 4.76 15.93 0.66
CA ASP A 293 4.67 15.86 0.76
C ASP A 293 5.86 14.89 0.81
N PRO A 294 6.10 14.30 1.95
CA PRO A 294 7.17 13.28 2.01
C PRO A 294 6.76 12.02 1.19
N VAL A 295 7.79 11.29 0.77
CA VAL A 295 7.63 10.12 -0.06
C VAL A 295 8.19 8.94 0.64
N TYR A 296 7.40 7.88 0.68
CA TYR A 296 7.74 6.58 1.26
C TYR A 296 8.31 5.68 0.14
N VAL A 297 9.63 5.37 0.20
CA VAL A 297 10.28 4.51 -0.76
C VAL A 297 10.35 3.07 -0.22
N MET A 298 9.68 2.14 -0.88
CA MET A 298 9.62 0.77 -0.39
C MET A 298 10.88 0.00 -0.64
N PRO A 299 11.53 -0.46 0.42
CA PRO A 299 12.75 -1.28 0.25
C PRO A 299 12.45 -2.67 -0.26
N ALA A 300 13.33 -3.24 -1.07
CA ALA A 300 13.18 -4.61 -1.55
C ALA A 300 13.33 -5.56 -0.39
N ILE A 301 12.48 -6.57 -0.29
CA ILE A 301 12.51 -7.63 0.71
C ILE A 301 12.69 -8.97 -0.01
N THR A 302 13.74 -9.68 0.37
CA THR A 302 14.05 -11.03 -0.14
C THR A 302 14.40 -11.87 1.04
N LYS A 303 14.78 -13.14 0.72
CA LYS A 303 15.22 -14.05 1.86
C LYS A 303 16.38 -13.47 2.52
N ASP A 304 17.20 -12.66 1.91
CA ASP A 304 18.33 -11.96 2.63
C ASP A 304 18.11 -11.07 3.68
N ASN A 305 16.94 -10.36 3.68
CA ASN A 305 16.63 -9.39 4.71
C ASN A 305 15.24 -9.57 5.29
N VAL A 306 14.53 -10.60 5.01
CA VAL A 306 13.16 -10.76 5.48
C VAL A 306 13.12 -10.96 6.98
N ASP A 307 14.16 -11.49 7.63
CA ASP A 307 14.12 -11.63 9.11
C ASP A 307 13.89 -10.37 9.86
N VAL A 308 14.52 -9.30 9.44
CA VAL A 308 14.35 -8.10 10.16
C VAL A 308 12.87 -7.56 9.98
N ALA A 309 12.43 -7.57 8.71
CA ALA A 309 11.04 -7.22 8.50
C ALA A 309 10.06 -8.05 9.30
N ILE A 310 10.33 -9.32 9.39
CA ILE A 310 9.49 -10.20 10.24
C ILE A 310 9.47 -9.78 11.67
N GLU A 311 10.61 -9.35 12.20
CA GLU A 311 10.59 -8.84 13.60
C GLU A 311 9.69 -7.64 13.73
N HIS A 312 9.81 -6.67 12.78
CA HIS A 312 9.09 -5.46 12.96
C HIS A 312 7.62 -5.58 12.74
N VAL A 313 7.22 -6.47 11.79
CA VAL A 313 5.85 -6.58 11.28
C VAL A 313 5.08 -7.76 11.84
N VAL A 314 5.79 -8.82 12.25
CA VAL A 314 5.15 -10.14 12.67
C VAL A 314 5.44 -10.49 13.98
N THR A 315 6.70 -10.72 14.46
CA THR A 315 7.02 -11.40 15.72
C THR A 315 7.30 -10.49 16.75
N GLU A 316 7.73 -9.24 16.55
CA GLU A 316 8.02 -8.27 17.56
C GLU A 316 7.30 -6.97 17.30
N ARG A 317 6.05 -7.02 17.01
CA ARG A 317 5.26 -5.92 16.66
C ARG A 317 5.23 -4.92 17.82
N GLN A 318 5.00 -5.47 19.05
CA GLN A 318 4.77 -4.52 20.16
C GLN A 318 6.04 -3.78 20.52
N LYS A 319 7.17 -4.39 20.43
CA LYS A 319 8.42 -3.68 20.57
C LYS A 319 8.64 -2.55 19.52
N PHE A 320 8.28 -2.89 18.26
CA PHE A 320 8.31 -1.88 17.16
C PHE A 320 7.40 -0.77 17.43
N LEU A 321 6.14 -1.02 17.91
CA LEU A 321 5.23 0.03 18.16
C LEU A 321 5.76 0.93 19.32
N ASP A 322 6.47 0.32 20.30
CA ASP A 322 7.03 1.11 21.43
C ASP A 322 8.01 2.07 20.94
N GLY A 323 8.66 1.87 19.82
CA GLY A 323 9.64 2.71 19.22
C GLY A 323 9.12 3.68 18.17
N LEU A 324 7.87 3.49 17.80
CA LEU A 324 7.34 4.16 16.54
C LEU A 324 7.28 5.70 16.60
N VAL A 325 6.84 6.26 17.72
CA VAL A 325 6.72 7.73 17.81
C VAL A 325 8.10 8.40 17.58
N GLU A 326 9.09 7.79 18.25
CA GLU A 326 10.40 8.34 18.07
C GLU A 326 10.92 8.24 16.69
N LEU A 327 10.68 7.04 16.06
CA LEU A 327 11.09 6.80 14.63
C LEU A 327 10.41 7.82 13.77
N THR A 328 9.13 8.03 13.96
CA THR A 328 8.36 8.95 13.13
C THR A 328 8.91 10.40 13.22
N GLN A 329 9.21 10.81 14.43
CA GLN A 329 9.75 12.23 14.58
C GLN A 329 11.11 12.30 14.01
N GLN A 330 11.94 11.32 14.07
CA GLN A 330 13.25 11.42 13.46
C GLN A 330 13.01 11.46 11.99
N ASN A 331 12.23 10.54 11.41
CA ASN A 331 12.17 10.50 9.98
C ASN A 331 11.53 11.68 9.39
N LEU A 332 10.58 12.37 10.07
CA LEU A 332 9.92 13.60 9.54
C LEU A 332 10.97 14.75 9.39
N LYS A 333 12.09 14.65 10.10
CA LYS A 333 13.26 15.50 9.89
C LYS A 333 14.04 15.24 8.64
N THR A 334 14.42 13.99 8.40
CA THR A 334 15.20 13.59 7.22
C THR A 334 14.26 13.57 6.05
N GLY A 335 12.95 13.43 6.11
CA GLY A 335 12.07 13.23 4.97
C GLY A 335 12.05 11.72 4.54
N ASP A 336 12.91 10.93 5.17
CA ASP A 336 12.98 9.53 4.72
C ASP A 336 11.99 8.71 5.53
N ILE A 337 10.67 8.89 5.20
CA ILE A 337 9.62 8.32 5.99
C ILE A 337 9.60 6.83 5.97
N ALA A 338 10.20 6.16 5.04
CA ALA A 338 10.25 4.70 5.11
C ALA A 338 11.38 4.12 5.97
N TYR A 339 12.27 4.94 6.46
CA TYR A 339 13.39 4.30 7.21
C TYR A 339 12.84 3.56 8.48
N GLU A 340 13.25 2.30 8.58
CA GLU A 340 13.07 1.48 9.78
C GLU A 340 14.18 0.58 10.07
N GLY A 341 15.32 0.73 9.43
CA GLY A 341 16.44 -0.15 9.67
C GLY A 341 16.38 -1.44 8.94
N ILE A 342 15.71 -1.55 7.84
CA ILE A 342 15.82 -2.70 7.01
C ILE A 342 17.19 -2.69 6.34
N PRO A 343 17.90 -3.87 6.32
CA PRO A 343 19.10 -3.98 5.50
C PRO A 343 18.88 -3.49 4.09
N GLY A 344 19.74 -2.59 3.59
CA GLY A 344 19.63 -1.95 2.33
C GLY A 344 19.23 -0.44 2.46
N GLN A 345 18.46 -0.10 3.55
CA GLN A 345 18.08 1.31 3.77
C GLN A 345 19.31 2.19 4.05
N THR A 346 19.14 3.50 3.88
CA THR A 346 20.18 4.47 4.27
C THR A 346 20.21 4.42 5.84
#